data_8IBM
#
_entry.id   8IBM
#
_cell.length_a   83.755
_cell.length_b   83.755
_cell.length_c   64.752
_cell.angle_alpha   90.000
_cell.angle_beta   90.000
_cell.angle_gamma   120.000
#
_symmetry.space_group_name_H-M   'P 3'
#
loop_
_entity.id
_entity.type
_entity.pdbx_description
1 polymer 'Alpha/beta hydrolase family protein'
2 non-polymer 'CALCIUM ION'
3 non-polymer 'SULFATE ION'
4 water water
#
_entity_poly.entity_id   1
_entity_poly.type   'polypeptide(L)'
_entity_poly.pdbx_seq_one_letter_code
;GPNPYERGPDPTEDSIEAIRGPFSVATERVSSFASGFGGGTIYYPRETDEGTFGAVAVAPGFTASQGSMSWYGERVASHG
FIVFTIDTNTRLDAPGQRGRQLLAALDYLVERSDRKVRERLDPNRLAVMGHAMGGGGSLEATVMRPSLKASIPLTPWHLD
KTWGQVQVPTFIIGAELDTIAPVSTHAKPFYESLPSSLPKAYMELCGATHFAPNIPNTTIAKYVISWLKRFVDEDTRYSQ
FLCPNPTDRAICEYRSTCPYKLN
;
_entity_poly.pdbx_strand_id   A,B
#
loop_
_chem_comp.id
_chem_comp.type
_chem_comp.name
_chem_comp.formula
CA non-polymer 'CALCIUM ION' 'Ca 2'
SO4 non-polymer 'SULFATE ION' 'O4 S -2'
#
# COMPACT_ATOMS: atom_id res chain seq x y z
N PRO A 2 -20.06 14.95 -9.98
CA PRO A 2 -18.78 15.57 -10.35
C PRO A 2 -17.77 15.58 -9.21
N ASN A 3 -16.50 15.71 -9.56
CA ASN A 3 -15.44 15.80 -8.55
C ASN A 3 -15.57 17.11 -7.79
N PRO A 4 -15.96 17.11 -6.52
CA PRO A 4 -16.18 18.38 -5.81
C PRO A 4 -14.90 19.13 -5.49
N TYR A 5 -13.73 18.53 -5.69
CA TYR A 5 -12.46 19.16 -5.35
C TYR A 5 -11.78 19.83 -6.52
N GLU A 6 -12.38 19.75 -7.71
CA GLU A 6 -11.78 20.39 -8.89
C GLU A 6 -11.84 21.90 -8.76
N ARG A 7 -10.68 22.55 -8.95
CA ARG A 7 -10.57 24.00 -8.86
C ARG A 7 -9.89 24.52 -10.12
N GLY A 8 -10.32 25.70 -10.56
CA GLY A 8 -9.71 26.35 -11.70
C GLY A 8 -10.19 25.80 -13.03
N PRO A 9 -9.89 26.51 -14.11
CA PRO A 9 -10.33 26.08 -15.44
C PRO A 9 -9.62 24.81 -15.88
N ASP A 10 -10.10 24.26 -16.99
CA ASP A 10 -9.49 23.07 -17.56
C ASP A 10 -8.04 23.35 -17.92
N PRO A 11 -7.11 22.48 -17.57
CA PRO A 11 -5.69 22.84 -17.68
C PRO A 11 -5.12 22.60 -19.07
N THR A 12 -4.29 23.54 -19.51
CA THR A 12 -3.50 23.41 -20.71
C THR A 12 -2.03 23.21 -20.33
N GLU A 13 -1.25 22.72 -21.27
CA GLU A 13 0.19 22.64 -21.07
C GLU A 13 0.78 24.01 -20.78
N ASP A 14 0.20 25.06 -21.36
CA ASP A 14 0.65 26.42 -21.07
C ASP A 14 0.21 26.87 -19.68
N SER A 15 -0.95 26.40 -19.20
CA SER A 15 -1.49 26.90 -17.94
C SER A 15 -0.65 26.42 -16.75
N ILE A 16 -0.30 25.13 -16.75
CA ILE A 16 0.47 24.59 -15.63
C ILE A 16 1.87 25.20 -15.59
N GLU A 17 2.38 25.66 -16.73
CA GLU A 17 3.70 26.27 -16.78
C GLU A 17 3.70 27.73 -16.37
N ALA A 18 2.53 28.37 -16.33
CA ALA A 18 2.47 29.80 -16.08
C ALA A 18 3.05 30.14 -14.71
N ILE A 19 3.76 31.27 -14.64
CA ILE A 19 4.32 31.71 -13.36
C ILE A 19 3.20 32.03 -12.38
N ARG A 20 2.12 32.64 -12.86
CA ARG A 20 0.98 33.00 -12.03
C ARG A 20 -0.21 32.15 -12.45
N GLY A 21 -0.78 31.42 -11.50
CA GLY A 21 -1.97 30.64 -11.75
C GLY A 21 -3.22 31.49 -11.77
N PRO A 22 -4.37 30.83 -11.94
CA PRO A 22 -5.63 31.57 -12.02
C PRO A 22 -6.06 32.20 -10.71
N PHE A 23 -5.54 31.75 -9.58
CA PHE A 23 -5.95 32.26 -8.28
C PHE A 23 -5.04 33.41 -7.83
N SER A 24 -5.58 34.22 -6.92
CA SER A 24 -4.83 35.30 -6.29
C SER A 24 -4.38 34.87 -4.90
N VAL A 25 -3.13 35.13 -4.58
CA VAL A 25 -2.47 34.57 -3.40
C VAL A 25 -2.35 35.62 -2.32
N ALA A 26 -2.78 35.27 -1.10
CA ALA A 26 -2.49 36.03 0.11
C ALA A 26 -1.58 35.20 1.00
N THR A 27 -1.07 35.83 2.06
CA THR A 27 -0.07 35.19 2.91
C THR A 27 -0.42 35.39 4.38
N GLU A 28 0.15 34.52 5.22
CA GLU A 28 0.11 34.64 6.66
C GLU A 28 1.45 34.20 7.22
N ARG A 29 2.06 35.04 8.06
CA ARG A 29 3.32 34.72 8.69
C ARG A 29 3.07 33.95 9.98
N VAL A 30 3.84 32.87 10.19
CA VAL A 30 3.70 32.01 11.36
C VAL A 30 4.97 32.13 12.18
N SER A 31 4.82 32.51 13.45
CA SER A 31 5.97 32.67 14.32
C SER A 31 6.71 31.35 14.51
N SER A 32 8.02 31.45 14.70
CA SER A 32 8.84 30.27 14.93
C SER A 32 8.60 29.64 16.31
N PHE A 33 7.90 30.33 17.20
CA PHE A 33 7.53 29.77 18.49
C PHE A 33 6.36 28.81 18.40
N ALA A 34 5.84 28.56 17.20
CA ALA A 34 4.85 27.51 17.01
C ALA A 34 5.42 26.17 17.45
N SER A 35 4.56 25.33 18.02
CA SER A 35 5.01 24.07 18.60
C SER A 35 5.22 23.03 17.51
N GLY A 36 6.35 22.34 17.57
CA GLY A 36 6.64 21.23 16.69
C GLY A 36 7.52 21.57 15.50
N PHE A 37 7.63 22.84 15.13
CA PHE A 37 8.44 23.24 13.99
C PHE A 37 8.84 24.71 14.17
N GLY A 38 9.56 25.24 13.20
CA GLY A 38 10.13 26.57 13.33
C GLY A 38 9.38 27.67 12.60
N GLY A 39 8.06 27.54 12.51
CA GLY A 39 7.25 28.53 11.84
C GLY A 39 7.33 28.43 10.33
N GLY A 40 6.86 29.48 9.67
CA GLY A 40 6.91 29.53 8.22
C GLY A 40 5.99 30.60 7.69
N THR A 41 5.67 30.47 6.39
CA THR A 41 4.80 31.41 5.69
C THR A 41 3.73 30.61 4.96
N ILE A 42 2.46 30.93 5.22
CA ILE A 42 1.33 30.25 4.63
C ILE A 42 0.87 31.03 3.41
N TYR A 43 0.94 30.40 2.24
CA TYR A 43 0.40 30.97 1.01
C TYR A 43 -0.94 30.30 0.73
N TYR A 44 -1.99 31.10 0.62
CA TYR A 44 -3.33 30.58 0.44
C TYR A 44 -4.07 31.37 -0.63
N PRO A 45 -4.95 30.72 -1.39
CA PRO A 45 -5.73 31.43 -2.40
C PRO A 45 -6.74 32.37 -1.76
N ARG A 46 -7.01 33.48 -2.44
CA ARG A 46 -7.94 34.46 -1.88
C ARG A 46 -9.38 34.15 -2.26
N GLU A 47 -9.59 33.67 -3.49
CA GLU A 47 -10.93 33.34 -3.95
C GLU A 47 -11.49 32.16 -3.16
N THR A 48 -12.71 32.31 -2.66
CA THR A 48 -13.33 31.29 -1.83
C THR A 48 -14.66 30.77 -2.39
N ASP A 49 -15.12 31.29 -3.52
CA ASP A 49 -16.40 30.88 -4.08
C ASP A 49 -16.35 29.55 -4.81
N GLU A 50 -15.18 28.91 -4.90
CA GLU A 50 -15.06 27.60 -5.53
C GLU A 50 -14.92 26.46 -4.52
N GLY A 51 -14.93 26.78 -3.23
CA GLY A 51 -14.76 25.77 -2.18
C GLY A 51 -13.39 25.87 -1.54
N THR A 52 -13.19 25.00 -0.55
CA THR A 52 -11.93 24.96 0.17
C THR A 52 -10.85 24.28 -0.68
N PHE A 53 -9.62 24.32 -0.18
CA PHE A 53 -8.47 23.81 -0.90
C PHE A 53 -7.68 22.87 -0.01
N GLY A 54 -6.97 21.93 -0.64
CA GLY A 54 -6.01 21.14 0.06
C GLY A 54 -4.75 21.92 0.36
N ALA A 55 -3.87 21.32 1.16
CA ALA A 55 -2.67 22.01 1.62
C ALA A 55 -1.44 21.14 1.39
N VAL A 56 -0.30 21.82 1.23
CA VAL A 56 0.99 21.14 1.10
C VAL A 56 2.01 21.87 1.96
N ALA A 57 2.70 21.13 2.82
CA ALA A 57 3.77 21.68 3.65
C ALA A 57 5.11 21.44 2.97
N VAL A 58 5.94 22.47 2.94
CA VAL A 58 7.18 22.45 2.17
C VAL A 58 8.34 22.63 3.13
N ALA A 59 9.26 21.68 3.14
CA ALA A 59 10.40 21.65 4.04
C ALA A 59 11.70 21.98 3.29
N PRO A 60 12.66 22.65 3.96
CA PRO A 60 13.95 22.91 3.32
C PRO A 60 14.99 21.87 3.66
N GLY A 61 16.19 21.98 3.07
CA GLY A 61 17.24 21.02 3.26
C GLY A 61 18.12 21.32 4.46
N PHE A 62 19.23 20.60 4.53
CA PHE A 62 20.19 20.76 5.62
C PHE A 62 20.77 22.16 5.63
N THR A 63 20.80 22.78 6.82
CA THR A 63 21.28 24.14 7.04
C THR A 63 20.50 25.18 6.24
N ALA A 64 19.30 24.87 5.80
CA ALA A 64 18.51 25.77 4.97
C ALA A 64 17.26 26.22 5.72
N SER A 65 16.56 27.17 5.12
CA SER A 65 15.32 27.70 5.68
C SER A 65 14.33 27.91 4.54
N GLN A 66 13.16 28.48 4.88
CA GLN A 66 12.09 28.64 3.90
C GLN A 66 12.48 29.57 2.75
N GLY A 67 13.55 30.36 2.91
CA GLY A 67 13.96 31.24 1.84
C GLY A 67 14.35 30.49 0.57
N SER A 68 14.99 29.33 0.72
CA SER A 68 15.37 28.51 -0.43
C SER A 68 14.18 27.82 -1.07
N MET A 69 13.02 27.81 -0.40
CA MET A 69 11.81 27.21 -0.95
C MET A 69 10.70 28.23 -1.15
N SER A 70 11.02 29.52 -1.13
CA SER A 70 9.98 30.55 -1.14
C SER A 70 9.27 30.64 -2.49
N TRP A 71 9.94 30.27 -3.58
CA TRP A 71 9.33 30.42 -4.90
C TRP A 71 8.21 29.42 -5.13
N TYR A 72 8.14 28.35 -4.34
CA TYR A 72 7.03 27.42 -4.47
C TYR A 72 5.72 28.02 -3.97
N GLY A 73 5.78 28.95 -3.03
CA GLY A 73 4.60 29.54 -2.44
C GLY A 73 3.63 30.15 -3.45
N GLU A 74 3.99 31.31 -4.00
CA GLU A 74 3.09 31.99 -4.92
C GLU A 74 2.86 31.17 -6.19
N ARG A 75 3.89 30.47 -6.67
CA ARG A 75 3.78 29.72 -7.91
C ARG A 75 2.73 28.61 -7.81
N VAL A 76 2.75 27.86 -6.70
CA VAL A 76 1.84 26.73 -6.55
C VAL A 76 0.49 27.15 -5.97
N ALA A 77 0.50 28.06 -4.99
CA ALA A 77 -0.75 28.49 -4.37
C ALA A 77 -1.67 29.18 -5.36
N SER A 78 -1.11 29.85 -6.37
CA SER A 78 -1.93 30.50 -7.37
C SER A 78 -2.66 29.51 -8.26
N HIS A 79 -2.30 28.23 -8.22
CA HIS A 79 -3.02 27.21 -8.96
C HIS A 79 -4.11 26.54 -8.13
N GLY A 80 -4.30 26.96 -6.88
CA GLY A 80 -5.40 26.47 -6.07
C GLY A 80 -4.98 25.54 -4.95
N PHE A 81 -3.95 25.91 -4.20
CA PHE A 81 -3.48 25.11 -3.07
C PHE A 81 -3.01 26.03 -1.95
N ILE A 82 -3.03 25.49 -0.74
CA ILE A 82 -2.43 26.14 0.41
C ILE A 82 -1.00 25.62 0.57
N VAL A 83 -0.03 26.51 0.46
CA VAL A 83 1.38 26.15 0.51
C VAL A 83 1.99 26.73 1.77
N PHE A 84 2.61 25.86 2.57
CA PHE A 84 3.19 26.24 3.86
C PHE A 84 4.68 25.93 3.80
N THR A 85 5.48 26.91 3.38
CA THR A 85 6.92 26.80 3.42
C THR A 85 7.39 27.04 4.85
N ILE A 86 7.99 26.02 5.46
CA ILE A 86 8.25 26.03 6.89
C ILE A 86 9.75 26.19 7.14
N ASP A 87 10.07 26.55 8.38
CA ASP A 87 11.41 26.46 8.92
C ASP A 87 11.47 25.30 9.91
N THR A 88 12.65 24.74 10.09
CA THR A 88 12.82 23.64 11.02
C THR A 88 13.15 24.18 12.41
N ASN A 89 13.16 23.26 13.39
CA ASN A 89 13.54 23.64 14.75
C ASN A 89 14.96 24.19 14.78
N THR A 90 15.93 23.39 14.37
CA THR A 90 17.29 23.84 14.13
C THR A 90 17.64 23.55 12.68
N ARG A 91 18.58 24.34 12.14
CA ARG A 91 18.96 24.15 10.74
C ARG A 91 19.74 22.86 10.52
N LEU A 92 20.18 22.19 11.58
CA LEU A 92 20.91 20.94 11.47
C LEU A 92 20.02 19.72 11.68
N ASP A 93 18.72 19.87 11.48
CA ASP A 93 17.78 18.77 11.75
C ASP A 93 17.91 17.68 10.68
N ALA A 94 17.80 16.44 11.14
CA ALA A 94 17.97 15.26 10.29
C ALA A 94 16.70 15.01 9.49
N PRO A 95 16.77 14.13 8.47
CA PRO A 95 15.54 13.81 7.72
C PRO A 95 14.42 13.27 8.58
N GLY A 96 14.74 12.46 9.59
CA GLY A 96 13.70 11.94 10.47
C GLY A 96 12.98 13.05 11.22
N GLN A 97 13.76 14.00 11.76
CA GLN A 97 13.14 15.12 12.45
C GLN A 97 12.34 16.00 11.51
N ARG A 98 12.80 16.14 10.25
CA ARG A 98 12.10 17.00 9.31
C ARG A 98 10.76 16.41 8.90
N GLY A 99 10.61 15.09 8.96
CA GLY A 99 9.31 14.49 8.68
C GLY A 99 8.29 14.81 9.76
N ARG A 100 8.71 14.75 11.03
CA ARG A 100 7.80 15.10 12.12
C ARG A 100 7.37 16.56 12.06
N GLN A 101 8.33 17.45 11.75
CA GLN A 101 8.01 18.87 11.71
C GLN A 101 7.17 19.23 10.50
N LEU A 102 7.24 18.44 9.43
CA LEU A 102 6.29 18.58 8.33
C LEU A 102 4.88 18.27 8.80
N LEU A 103 4.72 17.22 9.61
CA LEU A 103 3.40 16.89 10.15
C LEU A 103 2.97 17.89 11.20
N ALA A 104 3.91 18.37 12.02
CA ALA A 104 3.58 19.38 13.01
C ALA A 104 3.13 20.68 12.36
N ALA A 105 3.66 20.99 11.18
CA ALA A 105 3.18 22.15 10.44
C ALA A 105 1.78 21.91 9.89
N LEU A 106 1.52 20.70 9.38
CA LEU A 106 0.19 20.37 8.90
C LEU A 106 -0.83 20.41 10.04
N ASP A 107 -0.44 19.92 11.22
CA ASP A 107 -1.33 20.01 12.38
C ASP A 107 -1.65 21.46 12.70
N TYR A 108 -0.66 22.35 12.60
CA TYR A 108 -0.91 23.76 12.86
C TYR A 108 -1.92 24.34 11.87
N LEU A 109 -1.80 23.97 10.59
CA LEU A 109 -2.75 24.44 9.59
C LEU A 109 -4.17 24.01 9.95
N VAL A 110 -4.33 22.80 10.48
CA VAL A 110 -5.66 22.28 10.78
C VAL A 110 -6.19 22.83 12.10
N GLU A 111 -5.34 22.83 13.13
CA GLU A 111 -5.78 23.07 14.51
C GLU A 111 -5.61 24.52 14.97
N ARG A 112 -4.52 25.20 14.61
CA ARG A 112 -4.22 26.49 15.21
C ARG A 112 -4.06 27.64 14.21
N SER A 113 -4.28 27.41 12.92
CA SER A 113 -4.09 28.48 11.96
C SER A 113 -5.18 29.56 12.11
N ASP A 114 -4.95 30.69 11.46
CA ASP A 114 -5.90 31.79 11.50
C ASP A 114 -7.22 31.39 10.85
N ARG A 115 -8.29 32.10 11.24
CA ARG A 115 -9.61 31.80 10.69
C ARG A 115 -9.63 31.95 9.17
N LYS A 116 -8.93 32.95 8.64
CA LYS A 116 -8.88 33.16 7.20
C LYS A 116 -8.23 31.98 6.47
N VAL A 117 -7.41 31.21 7.15
CA VAL A 117 -6.79 30.03 6.54
C VAL A 117 -7.61 28.77 6.82
N ARG A 118 -8.13 28.63 8.05
CA ARG A 118 -8.90 27.44 8.39
C ARG A 118 -10.21 27.39 7.60
N GLU A 119 -10.82 28.54 7.34
CA GLU A 119 -12.06 28.57 6.58
C GLU A 119 -11.85 28.19 5.12
N ARG A 120 -10.62 28.27 4.62
CA ARG A 120 -10.29 27.90 3.25
C ARG A 120 -9.68 26.51 3.15
N LEU A 121 -9.55 25.78 4.26
CA LEU A 121 -8.78 24.56 4.32
C LEU A 121 -9.69 23.34 4.42
N ASP A 122 -9.40 22.33 3.60
CA ASP A 122 -10.00 21.01 3.72
C ASP A 122 -9.01 20.13 4.47
N PRO A 123 -9.16 19.93 5.78
CA PRO A 123 -8.11 19.25 6.56
C PRO A 123 -7.95 17.77 6.22
N ASN A 124 -8.80 17.20 5.36
CA ASN A 124 -8.68 15.80 4.97
C ASN A 124 -7.79 15.59 3.75
N ARG A 125 -7.33 16.67 3.11
CA ARG A 125 -6.54 16.58 1.90
C ARG A 125 -5.23 17.33 2.13
N LEU A 126 -4.24 16.62 2.69
CA LEU A 126 -2.96 17.21 3.05
C LEU A 126 -1.83 16.49 2.33
N ALA A 127 -0.79 17.25 1.99
CA ALA A 127 0.35 16.71 1.26
C ALA A 127 1.63 17.29 1.85
N VAL A 128 2.75 16.66 1.50
CA VAL A 128 4.06 17.08 1.97
C VAL A 128 5.01 17.19 0.79
N MET A 129 5.99 18.07 0.93
CA MET A 129 7.03 18.26 -0.09
C MET A 129 8.28 18.76 0.61
N GLY A 130 9.45 18.34 0.12
CA GLY A 130 10.70 18.76 0.74
C GLY A 130 11.87 18.64 -0.19
N HIS A 131 12.91 19.44 0.08
CA HIS A 131 14.11 19.43 -0.73
C HIS A 131 15.24 18.78 0.06
N ALA A 132 15.95 17.86 -0.60
CA ALA A 132 17.17 17.23 -0.06
C ALA A 132 16.82 16.51 1.23
N MET A 133 17.35 16.91 2.39
CA MET A 133 16.96 16.26 3.63
C MET A 133 15.49 16.49 3.95
N GLY A 134 14.92 17.60 3.46
CA GLY A 134 13.48 17.75 3.51
C GLY A 134 12.76 16.76 2.62
N GLY A 135 13.42 16.32 1.55
CA GLY A 135 12.85 15.26 0.74
C GLY A 135 12.85 13.92 1.46
N GLY A 136 13.94 13.62 2.18
CA GLY A 136 13.93 12.47 3.05
C GLY A 136 12.87 12.58 4.13
N GLY A 137 12.67 13.80 4.65
CA GLY A 137 11.59 14.02 5.59
C GLY A 137 10.22 13.87 4.96
N SER A 138 10.11 14.18 3.66
CA SER A 138 8.85 13.97 2.96
C SER A 138 8.52 12.49 2.87
N LEU A 139 9.53 11.65 2.62
CA LEU A 139 9.31 10.21 2.66
C LEU A 139 9.03 9.74 4.08
N GLU A 140 9.70 10.34 5.06
CA GLU A 140 9.45 9.99 6.46
C GLU A 140 8.02 10.28 6.87
N ALA A 141 7.48 11.41 6.42
CA ALA A 141 6.15 11.83 6.85
C ALA A 141 5.07 10.87 6.37
N THR A 142 5.21 10.36 5.15
CA THR A 142 4.21 9.44 4.62
C THR A 142 4.21 8.12 5.40
N VAL A 143 5.38 7.66 5.83
CA VAL A 143 5.45 6.49 6.70
C VAL A 143 4.78 6.80 8.03
N MET A 144 4.95 8.03 8.54
CA MET A 144 4.35 8.41 9.81
C MET A 144 2.86 8.69 9.69
N ARG A 145 2.40 9.15 8.53
CA ARG A 145 0.99 9.48 8.32
C ARG A 145 0.56 8.98 6.95
N PRO A 146 0.12 7.72 6.86
CA PRO A 146 -0.28 7.16 5.55
C PRO A 146 -1.51 7.82 4.95
N SER A 147 -2.22 8.67 5.70
CA SER A 147 -3.43 9.32 5.20
C SER A 147 -3.14 10.55 4.33
N LEU A 148 -1.88 10.93 4.20
CA LEU A 148 -1.53 12.05 3.32
C LEU A 148 -1.88 11.74 1.88
N LYS A 149 -2.21 12.77 1.12
CA LYS A 149 -2.68 12.59 -0.25
C LYS A 149 -1.55 12.53 -1.27
N ALA A 150 -0.45 13.26 -1.03
CA ALA A 150 0.64 13.30 -2.00
C ALA A 150 1.95 13.62 -1.27
N SER A 151 3.05 13.26 -1.93
CA SER A 151 4.38 13.46 -1.39
C SER A 151 5.35 13.74 -2.54
N ILE A 152 6.15 14.80 -2.40
CA ILE A 152 7.07 15.18 -3.46
C ILE A 152 8.47 15.42 -2.87
N PRO A 153 9.32 14.40 -2.79
CA PRO A 153 10.72 14.61 -2.39
C PRO A 153 11.53 15.19 -3.55
N LEU A 154 12.15 16.34 -3.31
CA LEU A 154 12.91 17.05 -4.33
C LEU A 154 14.40 16.84 -4.09
N THR A 155 15.06 16.20 -5.06
CA THR A 155 16.46 15.75 -4.96
C THR A 155 16.72 15.22 -3.54
N PRO A 156 15.97 14.22 -3.09
CA PRO A 156 15.95 13.88 -1.67
C PRO A 156 17.25 13.23 -1.21
N TRP A 157 17.48 13.31 0.10
CA TRP A 157 18.62 12.68 0.75
C TRP A 157 18.12 11.92 1.97
N HIS A 158 18.55 10.67 2.11
CA HIS A 158 18.18 9.87 3.26
C HIS A 158 19.12 8.67 3.36
N LEU A 159 19.42 8.26 4.59
CA LEU A 159 20.28 7.10 4.80
C LEU A 159 19.59 5.81 4.37
N ASP A 160 18.33 5.64 4.79
CA ASP A 160 17.60 4.43 4.46
C ASP A 160 17.18 4.44 3.00
N LYS A 161 17.24 3.27 2.37
CA LYS A 161 16.89 3.13 0.96
C LYS A 161 15.60 2.37 0.72
N THR A 162 15.08 1.68 1.73
CA THR A 162 13.89 0.83 1.58
C THR A 162 12.66 1.60 2.02
N TRP A 163 11.76 1.87 1.10
CA TRP A 163 10.48 2.53 1.37
C TRP A 163 9.33 1.70 0.84
N GLY A 164 9.39 0.38 1.06
CA GLY A 164 8.41 -0.51 0.48
C GLY A 164 7.07 -0.55 1.17
N GLN A 165 6.84 0.32 2.16
CA GLN A 165 5.55 0.38 2.84
C GLN A 165 4.89 1.74 2.68
N VAL A 166 5.41 2.61 1.81
CA VAL A 166 4.77 3.89 1.54
C VAL A 166 3.45 3.64 0.82
N GLN A 167 2.38 4.28 1.30
CA GLN A 167 1.07 4.18 0.70
C GLN A 167 0.60 5.48 0.08
N VAL A 168 1.41 6.54 0.16
CA VAL A 168 1.05 7.86 -0.36
C VAL A 168 1.66 8.03 -1.75
N PRO A 169 0.91 8.54 -2.72
CA PRO A 169 1.48 8.80 -4.04
C PRO A 169 2.67 9.72 -3.95
N THR A 170 3.82 9.24 -4.44
CA THR A 170 5.10 9.90 -4.26
C THR A 170 5.70 10.28 -5.60
N PHE A 171 6.12 11.53 -5.74
CA PHE A 171 6.77 12.04 -6.94
C PHE A 171 8.18 12.50 -6.56
N ILE A 172 9.18 11.75 -7.02
CA ILE A 172 10.58 12.05 -6.72
C ILE A 172 11.20 12.74 -7.92
N ILE A 173 11.80 13.91 -7.69
CA ILE A 173 12.47 14.68 -8.72
C ILE A 173 13.97 14.62 -8.43
N GLY A 174 14.72 14.03 -9.35
CA GLY A 174 16.16 13.93 -9.20
C GLY A 174 16.91 14.88 -10.11
N ALA A 175 18.14 15.22 -9.72
CA ALA A 175 19.02 16.07 -10.49
C ALA A 175 20.15 15.23 -11.07
N GLU A 176 20.36 15.33 -12.39
CA GLU A 176 21.34 14.49 -13.05
C GLU A 176 22.74 14.70 -12.49
N LEU A 177 23.18 15.96 -12.43
CA LEU A 177 24.51 16.29 -11.93
C LEU A 177 24.55 16.46 -10.41
N ASP A 178 23.60 15.89 -9.70
CA ASP A 178 23.62 15.94 -8.24
C ASP A 178 24.73 15.05 -7.71
N THR A 179 25.72 15.65 -7.05
CA THR A 179 26.80 14.91 -6.42
C THR A 179 26.72 14.89 -4.91
N ILE A 180 25.78 15.64 -4.33
CA ILE A 180 25.56 15.60 -2.88
C ILE A 180 24.62 14.47 -2.50
N ALA A 181 23.47 14.40 -3.17
CA ALA A 181 22.52 13.29 -3.05
C ALA A 181 22.33 12.71 -4.45
N PRO A 182 23.30 11.95 -4.95
CA PRO A 182 23.22 11.46 -6.33
C PRO A 182 22.04 10.51 -6.52
N VAL A 183 21.41 10.61 -7.69
CA VAL A 183 20.20 9.83 -7.95
C VAL A 183 20.52 8.34 -7.99
N SER A 184 21.75 7.97 -8.32
CA SER A 184 22.10 6.56 -8.41
C SER A 184 22.05 5.87 -7.06
N THR A 185 22.35 6.60 -5.98
CA THR A 185 22.34 6.02 -4.64
C THR A 185 21.22 6.56 -3.76
N HIS A 186 20.47 7.57 -4.21
CA HIS A 186 19.39 8.13 -3.42
C HIS A 186 18.08 8.12 -4.17
N ALA A 187 17.89 9.07 -5.09
CA ALA A 187 16.59 9.29 -5.71
C ALA A 187 16.07 8.04 -6.42
N LYS A 188 16.93 7.40 -7.22
CA LYS A 188 16.48 6.19 -7.92
C LYS A 188 16.26 5.01 -6.98
N PRO A 189 17.16 4.68 -6.05
CA PRO A 189 16.85 3.60 -5.10
C PRO A 189 15.60 3.89 -4.27
N PHE A 190 15.32 5.15 -3.96
CA PHE A 190 14.08 5.48 -3.27
C PHE A 190 12.87 5.11 -4.13
N TYR A 191 12.87 5.54 -5.40
CA TYR A 191 11.74 5.27 -6.27
C TYR A 191 11.56 3.77 -6.49
N GLU A 192 12.66 3.04 -6.68
CA GLU A 192 12.55 1.61 -6.97
C GLU A 192 12.05 0.84 -5.76
N SER A 193 12.48 1.23 -4.55
CA SER A 193 12.04 0.53 -3.35
C SER A 193 10.57 0.79 -3.03
N LEU A 194 10.00 1.87 -3.56
CA LEU A 194 8.58 2.13 -3.35
C LEU A 194 7.75 0.98 -3.92
N PRO A 195 6.59 0.71 -3.34
CA PRO A 195 5.76 -0.40 -3.83
C PRO A 195 5.40 -0.21 -5.30
N SER A 196 5.47 -1.32 -6.05
CA SER A 196 5.14 -1.27 -7.47
C SER A 196 3.68 -0.90 -7.69
N SER A 197 2.80 -1.20 -6.72
CA SER A 197 1.40 -0.86 -6.81
C SER A 197 1.10 0.58 -6.41
N LEU A 198 2.11 1.34 -6.02
CA LEU A 198 1.90 2.72 -5.59
C LEU A 198 1.88 3.64 -6.81
N PRO A 199 0.98 4.62 -6.83
CA PRO A 199 1.07 5.67 -7.87
C PRO A 199 2.29 6.54 -7.64
N LYS A 200 3.34 6.36 -8.44
CA LYS A 200 4.60 7.04 -8.21
C LYS A 200 5.20 7.47 -9.54
N ALA A 201 6.22 8.34 -9.45
CA ALA A 201 6.90 8.84 -10.63
C ALA A 201 8.27 9.36 -10.22
N TYR A 202 9.23 9.23 -11.13
CA TYR A 202 10.60 9.69 -10.92
C TYR A 202 11.04 10.51 -12.12
N MET A 203 11.34 11.79 -11.91
CA MET A 203 11.75 12.69 -12.96
C MET A 203 13.17 13.17 -12.68
N GLU A 204 14.07 12.91 -13.62
CA GLU A 204 15.46 13.34 -13.52
C GLU A 204 15.69 14.52 -14.45
N LEU A 205 16.08 15.66 -13.88
CA LEU A 205 16.31 16.87 -14.68
C LEU A 205 17.71 16.85 -15.28
N CYS A 206 17.80 17.21 -16.57
CA CYS A 206 19.08 17.22 -17.24
C CYS A 206 19.96 18.36 -16.71
N GLY A 207 21.24 18.05 -16.50
CA GLY A 207 22.22 19.06 -16.16
C GLY A 207 21.99 19.78 -14.84
N ALA A 208 20.91 19.45 -14.13
CA ALA A 208 20.58 20.12 -12.89
C ALA A 208 21.49 19.66 -11.76
N THR A 209 21.68 20.55 -10.78
CA THR A 209 22.50 20.27 -9.62
C THR A 209 21.61 20.00 -8.41
N HIS A 210 22.25 19.75 -7.27
CA HIS A 210 21.53 19.45 -6.04
C HIS A 210 20.64 20.62 -5.63
N PHE A 211 20.95 21.82 -6.07
CA PHE A 211 20.26 23.02 -5.64
C PHE A 211 19.31 23.56 -6.72
N ALA A 212 19.00 22.77 -7.74
CA ALA A 212 18.04 23.20 -8.75
C ALA A 212 16.64 23.44 -8.20
N PRO A 213 16.10 22.64 -7.26
CA PRO A 213 14.77 22.97 -6.71
C PRO A 213 14.70 24.29 -5.96
N ASN A 214 15.83 24.94 -5.69
CA ASN A 214 15.83 26.19 -4.93
C ASN A 214 15.65 27.42 -5.79
N ILE A 215 15.63 27.28 -7.12
CA ILE A 215 15.45 28.41 -8.02
C ILE A 215 14.24 28.15 -8.90
N PRO A 216 13.53 29.19 -9.37
CA PRO A 216 12.37 28.97 -10.24
C PRO A 216 12.67 28.07 -11.43
N ASN A 217 11.93 26.97 -11.53
CA ASN A 217 12.13 25.97 -12.57
C ASN A 217 10.77 25.53 -13.07
N THR A 218 10.49 25.80 -14.34
CA THR A 218 9.16 25.52 -14.87
C THR A 218 8.88 24.02 -14.93
N THR A 219 9.89 23.23 -15.28
CA THR A 219 9.70 21.78 -15.35
C THR A 219 9.31 21.21 -13.99
N ILE A 220 9.90 21.74 -12.91
CA ILE A 220 9.51 21.31 -11.57
C ILE A 220 8.10 21.78 -11.26
N ALA A 221 7.81 23.06 -11.54
CA ALA A 221 6.54 23.65 -11.13
C ALA A 221 5.36 22.98 -11.83
N LYS A 222 5.47 22.76 -13.15
CA LYS A 222 4.34 22.27 -13.92
C LYS A 222 3.89 20.88 -13.47
N TYR A 223 4.83 20.04 -13.03
CA TYR A 223 4.48 18.68 -12.62
C TYR A 223 4.32 18.54 -11.12
N VAL A 224 4.88 19.45 -10.33
CA VAL A 224 4.47 19.54 -8.92
C VAL A 224 3.00 19.93 -8.83
N ILE A 225 2.58 20.89 -9.66
CA ILE A 225 1.17 21.30 -9.69
C ILE A 225 0.30 20.15 -10.18
N SER A 226 0.73 19.48 -11.26
CA SER A 226 -0.05 18.38 -11.81
C SER A 226 -0.17 17.23 -10.82
N TRP A 227 0.90 16.94 -10.07
CA TRP A 227 0.85 15.86 -9.10
C TRP A 227 -0.06 16.21 -7.93
N LEU A 228 -0.02 17.46 -7.48
CA LEU A 228 -0.92 17.88 -6.40
C LEU A 228 -2.37 17.89 -6.86
N LYS A 229 -2.62 18.35 -8.08
CA LYS A 229 -3.99 18.35 -8.60
C LYS A 229 -4.56 16.93 -8.70
N ARG A 230 -3.75 15.99 -9.18
CA ARG A 230 -4.25 14.64 -9.43
C ARG A 230 -4.52 13.88 -8.14
N PHE A 231 -3.75 14.13 -7.08
CA PHE A 231 -3.85 13.31 -5.87
C PHE A 231 -4.36 14.06 -4.65
N VAL A 232 -4.20 15.37 -4.58
CA VAL A 232 -4.79 16.13 -3.48
C VAL A 232 -6.21 16.58 -3.83
N ASP A 233 -6.45 16.94 -5.09
CA ASP A 233 -7.77 17.33 -5.54
C ASP A 233 -8.48 16.24 -6.34
N GLU A 234 -7.82 15.09 -6.55
CA GLU A 234 -8.38 14.00 -7.35
C GLU A 234 -8.78 14.48 -8.75
N ASP A 235 -8.07 15.49 -9.24
CA ASP A 235 -8.42 16.13 -10.51
C ASP A 235 -7.86 15.30 -11.64
N THR A 236 -8.69 14.42 -12.20
CA THR A 236 -8.28 13.59 -13.33
C THR A 236 -8.01 14.40 -14.58
N ARG A 237 -8.39 15.68 -14.60
CA ARG A 237 -8.06 16.55 -15.72
C ARG A 237 -6.56 16.74 -15.89
N TYR A 238 -5.77 16.45 -14.86
CA TYR A 238 -4.33 16.62 -14.90
C TYR A 238 -3.58 15.31 -15.14
N SER A 239 -4.30 14.18 -15.29
CA SER A 239 -3.64 12.94 -15.63
C SER A 239 -3.02 12.99 -17.02
N GLN A 240 -3.49 13.91 -17.87
CA GLN A 240 -2.93 14.03 -19.22
C GLN A 240 -1.47 14.42 -19.17
N PHE A 241 -1.10 15.35 -18.29
CA PHE A 241 0.28 15.80 -18.19
C PHE A 241 1.19 14.80 -17.47
N LEU A 242 0.61 13.80 -16.80
CA LEU A 242 1.38 12.85 -16.00
C LEU A 242 1.46 11.47 -16.63
N CYS A 243 0.44 11.03 -17.36
CA CYS A 243 0.43 9.73 -18.00
C CYS A 243 -0.07 9.90 -19.44
N PRO A 244 0.69 9.41 -20.45
CA PRO A 244 1.97 8.73 -20.28
C PRO A 244 3.11 9.67 -19.88
N ASN A 245 4.31 9.12 -19.71
CA ASN A 245 5.40 9.86 -19.10
C ASN A 245 5.68 11.16 -19.86
N PRO A 246 5.91 12.26 -19.16
CA PRO A 246 6.23 13.53 -19.85
C PRO A 246 7.51 13.41 -20.66
N THR A 247 7.56 14.19 -21.74
CA THR A 247 8.63 14.09 -22.74
C THR A 247 9.36 15.42 -22.89
N ASP A 248 9.40 16.23 -21.84
CA ASP A 248 10.05 17.53 -21.90
C ASP A 248 11.53 17.37 -22.22
N ARG A 249 12.07 18.37 -22.95
CA ARG A 249 13.50 18.35 -23.27
C ARG A 249 14.33 18.41 -22.00
N ALA A 250 13.86 19.14 -20.99
CA ALA A 250 14.60 19.29 -19.75
C ALA A 250 14.72 17.98 -18.97
N ILE A 251 13.82 17.02 -19.21
CA ILE A 251 13.83 15.76 -18.49
C ILE A 251 14.83 14.81 -19.15
N CYS A 252 15.63 14.13 -18.33
CA CYS A 252 16.60 13.16 -18.83
C CYS A 252 16.20 11.71 -18.58
N GLU A 253 15.34 11.45 -17.60
CA GLU A 253 14.80 10.12 -17.38
C GLU A 253 13.49 10.24 -16.61
N TYR A 254 12.49 9.46 -17.01
CA TYR A 254 11.21 9.46 -16.33
C TYR A 254 10.72 8.03 -16.17
N ARG A 255 10.33 7.68 -14.96
CA ARG A 255 9.70 6.39 -14.65
C ARG A 255 8.42 6.65 -13.89
N SER A 256 7.44 5.78 -14.09
CA SER A 256 6.15 5.93 -13.43
C SER A 256 5.46 4.58 -13.38
N THR A 257 4.41 4.51 -12.55
CA THR A 257 3.49 3.38 -12.54
C THR A 257 2.19 3.73 -13.25
N CYS A 258 2.29 4.47 -14.35
CA CYS A 258 1.13 4.84 -15.14
C CYS A 258 0.45 3.58 -15.69
N PRO A 259 -0.89 3.58 -15.80
CA PRO A 259 -1.76 4.71 -15.46
C PRO A 259 -2.09 4.76 -13.97
N TYR A 260 -2.52 5.93 -13.49
CA TYR A 260 -2.90 6.11 -12.09
C TYR A 260 -4.42 5.94 -11.99
N LYS A 261 -4.84 4.68 -11.86
CA LYS A 261 -6.26 4.37 -11.80
C LYS A 261 -6.87 4.98 -10.53
N LEU A 262 -7.99 5.68 -10.71
CA LEU A 262 -8.58 6.43 -9.60
C LEU A 262 -9.10 5.49 -8.53
N ASN A 263 -8.69 5.74 -7.29
CA ASN A 263 -9.09 4.89 -6.17
C ASN A 263 -9.99 5.67 -5.20
N PRO B 2 -11.31 -41.71 14.26
CA PRO B 2 -10.48 -40.51 14.31
C PRO B 2 -10.57 -39.67 13.04
N ASN B 3 -10.13 -38.42 13.12
CA ASN B 3 -10.09 -37.54 11.96
C ASN B 3 -8.96 -37.96 11.04
N PRO B 4 -9.25 -38.53 9.86
CA PRO B 4 -8.16 -39.03 9.00
C PRO B 4 -7.32 -37.93 8.37
N TYR B 5 -7.68 -36.67 8.55
CA TYR B 5 -6.96 -35.56 7.94
C TYR B 5 -6.03 -34.85 8.91
N GLU B 6 -5.99 -35.26 10.17
CA GLU B 6 -5.11 -34.63 11.14
C GLU B 6 -3.65 -34.95 10.82
N ARG B 7 -2.82 -33.90 10.74
CA ARG B 7 -1.41 -34.04 10.47
C ARG B 7 -0.61 -33.27 11.51
N GLY B 8 0.55 -33.81 11.86
CA GLY B 8 1.44 -33.16 12.79
C GLY B 8 1.05 -33.39 14.24
N PRO B 9 1.97 -33.14 15.15
CA PRO B 9 1.69 -33.38 16.57
C PRO B 9 0.66 -32.39 17.11
N ASP B 10 0.24 -32.65 18.35
CA ASP B 10 -0.73 -31.78 18.99
C ASP B 10 -0.18 -30.35 19.07
N PRO B 11 -0.95 -29.35 18.67
CA PRO B 11 -0.39 -28.00 18.49
C PRO B 11 -0.30 -27.22 19.79
N THR B 12 0.85 -26.57 19.97
CA THR B 12 1.04 -25.59 21.02
C THR B 12 1.03 -24.19 20.43
N GLU B 13 0.80 -23.20 21.30
CA GLU B 13 0.91 -21.81 20.87
C GLU B 13 2.29 -21.51 20.31
N ASP B 14 3.32 -22.12 20.90
CA ASP B 14 4.66 -22.01 20.34
C ASP B 14 4.79 -22.74 19.02
N SER B 15 4.02 -23.83 18.84
CA SER B 15 4.18 -24.63 17.63
C SER B 15 3.66 -23.90 16.40
N ILE B 16 2.50 -23.25 16.51
CA ILE B 16 1.94 -22.56 15.34
C ILE B 16 2.76 -21.32 15.01
N GLU B 17 3.43 -20.73 15.99
CA GLU B 17 4.23 -19.54 15.76
C GLU B 17 5.59 -19.85 15.14
N ALA B 18 6.05 -21.10 15.24
CA ALA B 18 7.40 -21.45 14.79
C ALA B 18 7.56 -21.17 13.31
N ILE B 19 8.74 -20.66 12.94
CA ILE B 19 9.03 -20.37 11.54
C ILE B 19 9.05 -21.67 10.74
N ARG B 20 9.66 -22.71 11.27
CA ARG B 20 9.75 -24.00 10.61
C ARG B 20 8.80 -24.97 11.29
N GLY B 21 7.82 -25.46 10.53
CA GLY B 21 6.88 -26.43 11.05
C GLY B 21 7.50 -27.81 11.16
N PRO B 22 6.69 -28.77 11.63
CA PRO B 22 7.21 -30.13 11.81
C PRO B 22 7.57 -30.84 10.52
N PHE B 23 7.03 -30.42 9.38
CA PHE B 23 7.29 -31.08 8.12
C PHE B 23 8.46 -30.45 7.37
N SER B 24 9.12 -31.24 6.54
CA SER B 24 10.17 -30.76 5.65
C SER B 24 9.59 -30.48 4.28
N VAL B 25 9.98 -29.36 3.69
CA VAL B 25 9.34 -28.83 2.49
C VAL B 25 10.21 -29.06 1.27
N ALA B 26 9.58 -29.45 0.17
CA ALA B 26 10.18 -29.48 -1.15
C ALA B 26 9.38 -28.56 -2.07
N THR B 27 9.92 -28.29 -3.25
CA THR B 27 9.32 -27.33 -4.16
C THR B 27 9.23 -27.89 -5.58
N GLU B 28 8.34 -27.29 -6.36
CA GLU B 28 8.25 -27.54 -7.80
C GLU B 28 7.90 -26.24 -8.50
N ARG B 29 8.69 -25.90 -9.52
CA ARG B 29 8.46 -24.68 -10.29
C ARG B 29 7.48 -24.96 -11.42
N VAL B 30 6.49 -24.08 -11.57
CA VAL B 30 5.45 -24.22 -12.58
C VAL B 30 5.64 -23.10 -13.59
N SER B 31 5.78 -23.47 -14.86
CA SER B 31 5.97 -22.48 -15.92
C SER B 31 4.75 -21.58 -16.06
N SER B 32 5.00 -20.34 -16.46
CA SER B 32 3.92 -19.38 -16.67
C SER B 32 3.09 -19.72 -17.90
N PHE B 33 3.55 -20.63 -18.75
CA PHE B 33 2.76 -21.08 -19.89
C PHE B 33 1.67 -22.07 -19.49
N ALA B 34 1.51 -22.35 -18.20
CA ALA B 34 0.37 -23.13 -17.73
C ALA B 34 -0.92 -22.39 -18.07
N SER B 35 -1.95 -23.15 -18.44
CA SER B 35 -3.19 -22.55 -18.91
C SER B 35 -3.99 -22.01 -17.73
N GLY B 36 -4.50 -20.79 -17.87
CA GLY B 36 -5.41 -20.20 -16.90
C GLY B 36 -4.76 -19.27 -15.89
N PHE B 37 -3.44 -19.33 -15.73
CA PHE B 37 -2.75 -18.47 -14.77
C PHE B 37 -1.29 -18.38 -15.17
N GLY B 38 -0.53 -17.57 -14.44
CA GLY B 38 0.85 -17.28 -14.82
C GLY B 38 1.90 -18.12 -14.12
N GLY B 39 1.57 -19.38 -13.83
CA GLY B 39 2.51 -20.26 -13.18
C GLY B 39 2.69 -19.94 -11.70
N GLY B 40 3.77 -20.48 -11.14
CA GLY B 40 4.08 -20.23 -9.74
C GLY B 40 5.04 -21.27 -9.21
N THR B 41 5.06 -21.39 -7.88
CA THR B 41 5.93 -22.31 -7.17
C THR B 41 5.10 -23.11 -6.17
N ILE B 42 5.15 -24.43 -6.28
CA ILE B 42 4.41 -25.32 -5.41
C ILE B 42 5.30 -25.74 -4.25
N TYR B 43 4.86 -25.48 -3.03
CA TYR B 43 5.54 -25.93 -1.83
C TYR B 43 4.75 -27.11 -1.25
N TYR B 44 5.39 -28.28 -1.22
CA TYR B 44 4.70 -29.47 -0.74
C TYR B 44 5.52 -30.15 0.35
N PRO B 45 4.85 -30.75 1.34
CA PRO B 45 5.58 -31.49 2.38
C PRO B 45 6.22 -32.75 1.81
N ARG B 46 7.41 -33.07 2.29
CA ARG B 46 8.13 -34.22 1.76
C ARG B 46 7.69 -35.52 2.42
N GLU B 47 7.35 -35.48 3.71
CA GLU B 47 6.91 -36.68 4.41
C GLU B 47 5.53 -37.11 3.92
N THR B 48 5.42 -38.36 3.48
CA THR B 48 4.18 -38.90 2.94
C THR B 48 3.60 -40.02 3.80
N ASP B 49 4.16 -40.25 4.98
CA ASP B 49 3.77 -41.39 5.81
C ASP B 49 2.59 -41.09 6.72
N GLU B 50 2.09 -39.86 6.74
CA GLU B 50 0.90 -39.51 7.50
C GLU B 50 -0.33 -39.34 6.62
N GLY B 51 -0.21 -39.54 5.31
CA GLY B 51 -1.31 -39.38 4.38
C GLY B 51 -1.10 -38.17 3.47
N THR B 52 -2.10 -37.95 2.63
CA THR B 52 -2.07 -36.81 1.73
C THR B 52 -2.49 -35.54 2.46
N PHE B 53 -2.25 -34.40 1.81
CA PHE B 53 -2.50 -33.09 2.41
C PHE B 53 -3.46 -32.29 1.53
N GLY B 54 -4.14 -31.33 2.16
CA GLY B 54 -4.87 -30.32 1.42
C GLY B 54 -3.95 -29.28 0.82
N ALA B 55 -4.53 -28.43 -0.01
CA ALA B 55 -3.76 -27.43 -0.73
C ALA B 55 -4.39 -26.05 -0.61
N VAL B 56 -3.54 -25.03 -0.64
CA VAL B 56 -3.97 -23.63 -0.65
C VAL B 56 -3.24 -22.92 -1.77
N ALA B 57 -3.99 -22.15 -2.56
CA ALA B 57 -3.41 -21.34 -3.64
C ALA B 57 -3.36 -19.89 -3.17
N VAL B 58 -2.22 -19.25 -3.39
CA VAL B 58 -1.94 -17.92 -2.85
C VAL B 58 -1.75 -16.97 -4.02
N ALA B 59 -2.59 -15.90 -4.08
CA ALA B 59 -2.54 -14.90 -5.14
C ALA B 59 -1.91 -13.61 -4.64
N PRO B 60 -1.15 -12.92 -5.50
CA PRO B 60 -0.60 -11.61 -5.12
C PRO B 60 -1.51 -10.46 -5.49
N GLY B 61 -1.12 -9.24 -5.13
CA GLY B 61 -1.94 -8.06 -5.36
C GLY B 61 -1.67 -7.41 -6.71
N PHE B 62 -2.24 -6.22 -6.86
CA PHE B 62 -2.07 -5.44 -8.09
C PHE B 62 -0.60 -5.13 -8.33
N THR B 63 -0.17 -5.31 -9.58
CA THR B 63 1.21 -5.12 -10.04
C THR B 63 2.21 -6.03 -9.35
N ALA B 64 1.74 -7.00 -8.55
CA ALA B 64 2.63 -7.83 -7.75
C ALA B 64 2.79 -9.21 -8.38
N SER B 65 3.65 -10.02 -7.76
CA SER B 65 3.91 -11.37 -8.20
C SER B 65 4.15 -12.25 -6.97
N GLN B 66 4.47 -13.52 -7.21
CA GLN B 66 4.61 -14.48 -6.12
C GLN B 66 5.73 -14.11 -5.16
N GLY B 67 6.69 -13.28 -5.59
CA GLY B 67 7.77 -12.89 -4.70
C GLY B 67 7.28 -12.18 -3.46
N SER B 68 6.23 -11.36 -3.60
CA SER B 68 5.64 -10.68 -2.45
C SER B 68 4.87 -11.62 -1.54
N MET B 69 4.60 -12.85 -1.97
CA MET B 69 3.89 -13.84 -1.17
C MET B 69 4.73 -15.10 -0.95
N SER B 70 6.04 -15.02 -1.17
CA SER B 70 6.87 -16.22 -1.15
C SER B 70 7.08 -16.77 0.25
N TRP B 71 7.02 -15.92 1.28
CA TRP B 71 7.32 -16.39 2.62
C TRP B 71 6.22 -17.28 3.18
N TYR B 72 5.03 -17.27 2.58
CA TYR B 72 3.98 -18.19 3.02
C TYR B 72 4.30 -19.63 2.66
N GLY B 73 5.10 -19.85 1.61
CA GLY B 73 5.41 -21.17 1.14
C GLY B 73 6.01 -22.09 2.19
N GLU B 74 7.29 -21.85 2.55
CA GLU B 74 7.95 -22.71 3.51
C GLU B 74 7.29 -22.64 4.88
N ARG B 75 6.79 -21.46 5.26
CA ARG B 75 6.21 -21.28 6.59
C ARG B 75 4.97 -22.13 6.77
N VAL B 76 4.08 -22.13 5.78
CA VAL B 76 2.81 -22.85 5.91
C VAL B 76 2.95 -24.30 5.51
N ALA B 77 3.67 -24.58 4.42
CA ALA B 77 3.79 -25.95 3.93
C ALA B 77 4.48 -26.85 4.94
N SER B 78 5.38 -26.28 5.76
CA SER B 78 6.02 -27.06 6.80
C SER B 78 5.07 -27.47 7.92
N HIS B 79 3.87 -26.90 7.97
CA HIS B 79 2.86 -27.31 8.93
C HIS B 79 1.89 -28.34 8.36
N GLY B 80 2.13 -28.82 7.15
CA GLY B 80 1.33 -29.89 6.58
C GLY B 80 0.32 -29.44 5.55
N PHE B 81 0.75 -28.63 4.59
CA PHE B 81 -0.13 -28.16 3.52
C PHE B 81 0.66 -28.02 2.23
N ILE B 82 -0.05 -28.05 1.12
CA ILE B 82 0.50 -27.77 -0.20
C ILE B 82 0.19 -26.32 -0.52
N VAL B 83 1.23 -25.48 -0.56
CA VAL B 83 1.08 -24.05 -0.79
C VAL B 83 1.53 -23.74 -2.21
N PHE B 84 0.67 -23.08 -2.98
CA PHE B 84 0.91 -22.76 -4.39
C PHE B 84 0.86 -21.23 -4.53
N THR B 85 2.02 -20.60 -4.39
CA THR B 85 2.13 -19.16 -4.64
C THR B 85 2.21 -18.94 -6.14
N ILE B 86 1.20 -18.26 -6.69
CA ILE B 86 1.03 -18.16 -8.13
C ILE B 86 1.39 -16.76 -8.60
N ASP B 87 1.62 -16.67 -9.91
CA ASP B 87 1.66 -15.40 -10.63
C ASP B 87 0.40 -15.29 -11.48
N THR B 88 -0.03 -14.06 -11.72
CA THR B 88 -1.21 -13.83 -12.53
C THR B 88 -0.84 -13.78 -14.01
N ASN B 89 -1.86 -13.83 -14.87
CA ASN B 89 -1.63 -13.71 -16.30
C ASN B 89 -0.97 -12.38 -16.64
N THR B 90 -1.59 -11.27 -16.23
CA THR B 90 -0.98 -9.96 -16.29
C THR B 90 -0.89 -9.40 -14.87
N ARG B 91 0.09 -8.53 -14.65
CA ARG B 91 0.23 -7.92 -13.33
C ARG B 91 -0.87 -6.91 -13.04
N LEU B 92 -1.66 -6.52 -14.05
CA LEU B 92 -2.74 -5.56 -13.89
C LEU B 92 -4.10 -6.24 -13.78
N ASP B 93 -4.14 -7.52 -13.43
CA ASP B 93 -5.39 -8.25 -13.41
C ASP B 93 -6.28 -7.78 -12.25
N ALA B 94 -7.58 -7.70 -12.53
CA ALA B 94 -8.57 -7.27 -11.56
C ALA B 94 -8.87 -8.38 -10.57
N PRO B 95 -9.56 -8.07 -9.46
CA PRO B 95 -9.90 -9.14 -8.50
C PRO B 95 -10.71 -10.28 -9.10
N GLY B 96 -11.65 -9.97 -9.99
CA GLY B 96 -12.44 -11.03 -10.60
C GLY B 96 -11.60 -12.00 -11.39
N GLN B 97 -10.66 -11.48 -12.17
CA GLN B 97 -9.75 -12.34 -12.93
C GLN B 97 -8.82 -13.12 -12.01
N ARG B 98 -8.43 -12.53 -10.88
CA ARG B 98 -7.55 -13.23 -9.95
C ARG B 98 -8.26 -14.40 -9.27
N GLY B 99 -9.58 -14.32 -9.10
CA GLY B 99 -10.32 -15.44 -8.55
C GLY B 99 -10.35 -16.62 -9.49
N ARG B 100 -10.52 -16.36 -10.80
CA ARG B 100 -10.51 -17.43 -11.78
C ARG B 100 -9.15 -18.10 -11.86
N GLN B 101 -8.09 -17.30 -11.78
CA GLN B 101 -6.74 -17.84 -11.90
C GLN B 101 -6.31 -18.59 -10.64
N LEU B 102 -6.86 -18.24 -9.48
CA LEU B 102 -6.67 -19.06 -8.31
C LEU B 102 -7.30 -20.45 -8.51
N LEU B 103 -8.47 -20.50 -9.13
CA LEU B 103 -9.11 -21.78 -9.41
C LEU B 103 -8.39 -22.54 -10.51
N ALA B 104 -7.88 -21.82 -11.52
CA ALA B 104 -7.10 -22.47 -12.57
C ALA B 104 -5.81 -23.08 -12.02
N ALA B 105 -5.22 -22.44 -11.01
CA ALA B 105 -4.05 -23.02 -10.36
C ALA B 105 -4.43 -24.24 -9.54
N LEU B 106 -5.56 -24.18 -8.83
CA LEU B 106 -6.04 -25.35 -8.11
C LEU B 106 -6.36 -26.49 -9.06
N ASP B 107 -6.96 -26.18 -10.21
CA ASP B 107 -7.19 -27.21 -11.23
C ASP B 107 -5.88 -27.82 -11.69
N TYR B 108 -4.84 -26.99 -11.86
CA TYR B 108 -3.54 -27.50 -12.27
C TYR B 108 -2.98 -28.47 -11.24
N LEU B 109 -3.11 -28.12 -9.95
CA LEU B 109 -2.64 -29.01 -8.90
C LEU B 109 -3.33 -30.36 -8.96
N VAL B 110 -4.63 -30.36 -9.27
CA VAL B 110 -5.39 -31.60 -9.29
C VAL B 110 -5.13 -32.38 -10.57
N GLU B 111 -5.13 -31.69 -11.71
CA GLU B 111 -5.19 -32.35 -13.01
C GLU B 111 -3.83 -32.50 -13.68
N ARG B 112 -2.95 -31.51 -13.63
CA ARG B 112 -1.74 -31.51 -14.45
C ARG B 112 -0.45 -31.34 -13.66
N SER B 113 -0.47 -31.46 -12.34
CA SER B 113 0.76 -31.31 -11.59
C SER B 113 1.65 -32.54 -11.75
N ASP B 114 2.88 -32.43 -11.27
CA ASP B 114 3.79 -33.56 -11.30
C ASP B 114 3.32 -34.65 -10.33
N ARG B 115 3.74 -35.89 -10.62
CA ARG B 115 3.30 -37.02 -9.81
C ARG B 115 3.72 -36.86 -8.35
N LYS B 116 4.88 -36.24 -8.10
CA LYS B 116 5.34 -36.06 -6.73
C LYS B 116 4.40 -35.18 -5.92
N VAL B 117 3.65 -34.31 -6.59
CA VAL B 117 2.67 -33.47 -5.92
C VAL B 117 1.29 -34.14 -5.92
N ARG B 118 0.92 -34.79 -7.01
CA ARG B 118 -0.40 -35.41 -7.10
C ARG B 118 -0.53 -36.57 -6.12
N GLU B 119 0.54 -37.36 -5.96
CA GLU B 119 0.50 -38.46 -4.99
C GLU B 119 0.37 -37.96 -3.56
N ARG B 120 0.69 -36.69 -3.30
CA ARG B 120 0.58 -36.11 -1.98
C ARG B 120 -0.68 -35.26 -1.79
N LEU B 121 -1.49 -35.11 -2.84
CA LEU B 121 -2.60 -34.16 -2.84
C LEU B 121 -3.92 -34.86 -2.63
N ASP B 122 -4.72 -34.35 -1.69
CA ASP B 122 -6.12 -34.70 -1.54
C ASP B 122 -6.95 -33.69 -2.32
N PRO B 123 -7.40 -34.00 -3.55
CA PRO B 123 -8.02 -32.97 -4.39
C PRO B 123 -9.38 -32.49 -3.91
N ASN B 124 -9.93 -33.06 -2.83
CA ASN B 124 -11.21 -32.64 -2.30
C ASN B 124 -11.09 -31.64 -1.16
N ARG B 125 -9.86 -31.24 -0.81
CA ARG B 125 -9.63 -30.32 0.31
C ARG B 125 -8.75 -29.19 -0.22
N LEU B 126 -9.38 -28.17 -0.79
CA LEU B 126 -8.69 -27.05 -1.42
C LEU B 126 -9.11 -25.74 -0.77
N ALA B 127 -8.17 -24.78 -0.74
CA ALA B 127 -8.42 -23.49 -0.14
C ALA B 127 -7.76 -22.40 -0.99
N VAL B 128 -8.20 -21.17 -0.77
CA VAL B 128 -7.66 -20.01 -1.48
C VAL B 128 -7.20 -18.97 -0.49
N MET B 129 -6.25 -18.14 -0.92
CA MET B 129 -5.73 -17.05 -0.11
C MET B 129 -5.15 -16.01 -1.06
N GLY B 130 -5.26 -14.74 -0.68
CA GLY B 130 -4.72 -13.69 -1.52
C GLY B 130 -4.52 -12.40 -0.78
N HIS B 131 -3.62 -11.57 -1.29
CA HIS B 131 -3.31 -10.28 -0.69
C HIS B 131 -3.90 -9.16 -1.55
N ALA B 132 -4.58 -8.22 -0.90
CA ALA B 132 -5.08 -6.99 -1.52
C ALA B 132 -6.04 -7.38 -2.63
N MET B 133 -5.76 -7.08 -3.91
CA MET B 133 -6.64 -7.51 -4.99
C MET B 133 -6.69 -9.03 -5.09
N GLY B 134 -5.62 -9.70 -4.68
CA GLY B 134 -5.69 -11.15 -4.54
C GLY B 134 -6.64 -11.56 -3.43
N GLY B 135 -6.80 -10.72 -2.41
CA GLY B 135 -7.81 -11.00 -1.40
C GLY B 135 -9.22 -10.86 -1.93
N GLY B 136 -9.45 -9.87 -2.79
CA GLY B 136 -10.73 -9.78 -3.48
C GLY B 136 -10.97 -10.99 -4.37
N GLY B 137 -9.92 -11.46 -5.04
CA GLY B 137 -10.04 -12.68 -5.81
C GLY B 137 -10.30 -13.91 -4.94
N SER B 138 -9.77 -13.90 -3.72
CA SER B 138 -10.05 -14.99 -2.79
C SER B 138 -11.54 -15.03 -2.44
N LEU B 139 -12.16 -13.87 -2.26
CA LEU B 139 -13.60 -13.82 -2.07
C LEU B 139 -14.34 -14.20 -3.35
N GLU B 140 -13.80 -13.79 -4.50
CA GLU B 140 -14.41 -14.16 -5.78
C GLU B 140 -14.39 -15.66 -5.98
N ALA B 141 -13.28 -16.32 -5.63
CA ALA B 141 -13.12 -17.75 -5.90
C ALA B 141 -14.16 -18.57 -5.15
N THR B 142 -14.45 -18.21 -3.90
CA THR B 142 -15.42 -18.98 -3.13
C THR B 142 -16.83 -18.83 -3.69
N VAL B 143 -17.15 -17.67 -4.26
CA VAL B 143 -18.42 -17.52 -4.96
C VAL B 143 -18.45 -18.41 -6.19
N MET B 144 -17.32 -18.54 -6.88
CA MET B 144 -17.25 -19.36 -8.08
C MET B 144 -17.18 -20.85 -7.74
N ARG B 145 -16.54 -21.22 -6.64
CA ARG B 145 -16.41 -22.62 -6.22
C ARG B 145 -16.80 -22.72 -4.76
N PRO B 146 -18.09 -22.89 -4.46
CA PRO B 146 -18.52 -23.00 -3.06
C PRO B 146 -18.01 -24.24 -2.34
N SER B 147 -17.39 -25.18 -3.05
CA SER B 147 -16.87 -26.40 -2.44
C SER B 147 -15.48 -26.24 -1.85
N LEU B 148 -14.90 -25.05 -1.91
CA LEU B 148 -13.60 -24.81 -1.30
C LEU B 148 -13.72 -24.93 0.23
N LYS B 149 -12.61 -25.31 0.86
CA LYS B 149 -12.63 -25.56 2.30
C LYS B 149 -12.36 -24.31 3.13
N ALA B 150 -11.52 -23.39 2.64
CA ALA B 150 -11.19 -22.20 3.41
C ALA B 150 -10.81 -21.07 2.45
N SER B 151 -10.89 -19.85 2.98
CA SER B 151 -10.56 -18.65 2.21
C SER B 151 -9.96 -17.62 3.15
N ILE B 152 -8.82 -17.05 2.76
CA ILE B 152 -8.13 -16.08 3.60
C ILE B 152 -7.79 -14.83 2.78
N PRO B 153 -8.69 -13.85 2.71
CA PRO B 153 -8.34 -12.55 2.09
C PRO B 153 -7.47 -11.73 3.02
N LEU B 154 -6.30 -11.33 2.53
CA LEU B 154 -5.31 -10.59 3.32
C LEU B 154 -5.32 -9.13 2.87
N THR B 155 -5.70 -8.24 3.79
CA THR B 155 -5.93 -6.83 3.53
C THR B 155 -6.64 -6.65 2.18
N PRO B 156 -7.80 -7.28 2.00
CA PRO B 156 -8.34 -7.43 0.65
C PRO B 156 -8.87 -6.12 0.08
N TRP B 157 -8.96 -6.08 -1.24
CA TRP B 157 -9.51 -4.94 -1.97
C TRP B 157 -10.50 -5.47 -3.00
N HIS B 158 -11.67 -4.83 -3.08
CA HIS B 158 -12.69 -5.21 -4.04
C HIS B 158 -13.73 -4.10 -4.09
N LEU B 159 -14.27 -3.84 -5.29
CA LEU B 159 -15.31 -2.83 -5.42
C LEU B 159 -16.60 -3.28 -4.77
N ASP B 160 -16.99 -4.54 -4.99
CA ASP B 160 -18.24 -5.06 -4.43
C ASP B 160 -18.08 -5.29 -2.93
N LYS B 161 -19.07 -4.84 -2.16
CA LYS B 161 -19.05 -4.95 -0.72
C LYS B 161 -19.98 -6.02 -0.17
N THR B 162 -20.78 -6.65 -1.01
CA THR B 162 -21.79 -7.61 -0.57
C THR B 162 -21.31 -9.02 -0.89
N TRP B 163 -21.12 -9.82 0.16
CA TRP B 163 -20.69 -11.21 0.03
C TRP B 163 -21.58 -12.13 0.86
N GLY B 164 -22.89 -11.87 0.85
CA GLY B 164 -23.91 -12.59 1.58
C GLY B 164 -24.22 -13.99 1.10
N GLN B 165 -23.56 -14.47 0.04
CA GLN B 165 -23.80 -15.81 -0.48
C GLN B 165 -22.58 -16.71 -0.32
N VAL B 166 -21.54 -16.25 0.36
CA VAL B 166 -20.35 -17.06 0.57
C VAL B 166 -20.66 -18.20 1.52
N GLN B 167 -20.28 -19.42 1.14
CA GLN B 167 -20.49 -20.61 1.96
C GLN B 167 -19.19 -21.19 2.48
N VAL B 168 -18.05 -20.62 2.10
CA VAL B 168 -16.73 -21.14 2.48
C VAL B 168 -16.24 -20.40 3.72
N PRO B 169 -15.69 -21.09 4.71
CA PRO B 169 -15.14 -20.40 5.89
C PRO B 169 -14.07 -19.40 5.48
N THR B 170 -14.28 -18.14 5.84
CA THR B 170 -13.47 -17.03 5.38
C THR B 170 -12.80 -16.33 6.56
N PHE B 171 -11.49 -16.09 6.43
CA PHE B 171 -10.71 -15.40 7.45
C PHE B 171 -10.11 -14.14 6.82
N ILE B 172 -10.63 -12.98 7.20
CA ILE B 172 -10.19 -11.70 6.65
C ILE B 172 -9.22 -11.05 7.64
N ILE B 173 -8.03 -10.69 7.15
CA ILE B 173 -7.01 -10.03 7.95
C ILE B 173 -6.88 -8.60 7.46
N GLY B 174 -7.21 -7.65 8.33
CA GLY B 174 -7.12 -6.24 8.00
C GLY B 174 -5.93 -5.58 8.66
N ALA B 175 -5.50 -4.46 8.08
CA ALA B 175 -4.39 -3.67 8.60
C ALA B 175 -4.94 -2.33 9.06
N GLU B 176 -4.58 -1.94 10.29
CA GLU B 176 -5.13 -0.73 10.89
C GLU B 176 -4.80 0.51 10.06
N LEU B 177 -3.52 0.69 9.73
CA LEU B 177 -3.06 1.86 9.00
C LEU B 177 -3.11 1.67 7.49
N ASP B 178 -3.96 0.77 7.00
CA ASP B 178 -4.14 0.57 5.57
C ASP B 178 -4.91 1.75 4.99
N THR B 179 -4.25 2.54 4.15
CA THR B 179 -4.92 3.64 3.48
C THR B 179 -5.22 3.36 2.01
N ILE B 180 -4.72 2.24 1.47
CA ILE B 180 -5.03 1.84 0.10
C ILE B 180 -6.34 1.07 0.03
N ALA B 181 -6.48 0.03 0.85
CA ALA B 181 -7.73 -0.70 1.03
C ALA B 181 -8.09 -0.62 2.50
N PRO B 182 -8.61 0.53 2.94
CA PRO B 182 -8.88 0.70 4.38
C PRO B 182 -9.94 -0.25 4.88
N VAL B 183 -9.75 -0.73 6.10
CA VAL B 183 -10.66 -1.71 6.69
C VAL B 183 -12.06 -1.13 6.87
N SER B 184 -12.19 0.19 6.98
CA SER B 184 -13.50 0.79 7.19
C SER B 184 -14.40 0.66 5.97
N THR B 185 -13.81 0.66 4.77
CA THR B 185 -14.57 0.56 3.53
C THR B 185 -14.33 -0.75 2.79
N HIS B 186 -13.43 -1.60 3.29
CA HIS B 186 -13.15 -2.87 2.63
C HIS B 186 -13.22 -4.04 3.60
N ALA B 187 -12.17 -4.24 4.39
CA ALA B 187 -12.03 -5.47 5.18
C ALA B 187 -13.21 -5.68 6.11
N LYS B 188 -13.64 -4.62 6.82
CA LYS B 188 -14.77 -4.78 7.73
C LYS B 188 -16.09 -4.93 6.98
N PRO B 189 -16.44 -4.10 5.99
CA PRO B 189 -17.68 -4.35 5.25
C PRO B 189 -17.72 -5.72 4.59
N PHE B 190 -16.57 -6.24 4.15
CA PHE B 190 -16.54 -7.60 3.62
C PHE B 190 -16.94 -8.61 4.68
N TYR B 191 -16.34 -8.51 5.87
CA TYR B 191 -16.64 -9.46 6.93
C TYR B 191 -18.10 -9.35 7.38
N GLU B 192 -18.63 -8.13 7.47
CA GLU B 192 -20.00 -7.96 7.96
C GLU B 192 -21.01 -8.48 6.94
N SER B 193 -20.75 -8.28 5.65
CA SER B 193 -21.68 -8.76 4.63
C SER B 193 -21.69 -10.27 4.51
N LEU B 194 -20.64 -10.95 4.97
CA LEU B 194 -20.64 -12.40 4.97
C LEU B 194 -21.79 -12.92 5.81
N PRO B 195 -22.34 -14.09 5.47
CA PRO B 195 -23.47 -14.62 6.22
C PRO B 195 -23.12 -14.82 7.69
N SER B 196 -24.06 -14.44 8.56
CA SER B 196 -23.86 -14.57 10.00
C SER B 196 -23.71 -16.04 10.41
N SER B 197 -24.23 -16.97 9.62
CA SER B 197 -24.11 -18.39 9.89
C SER B 197 -22.80 -18.98 9.36
N LEU B 198 -21.99 -18.19 8.67
CA LEU B 198 -20.74 -18.67 8.12
C LEU B 198 -19.67 -18.71 9.21
N PRO B 199 -18.84 -19.76 9.24
CA PRO B 199 -17.66 -19.73 10.11
C PRO B 199 -16.65 -18.72 9.59
N LYS B 200 -16.56 -17.56 10.23
CA LYS B 200 -15.73 -16.48 9.72
C LYS B 200 -15.02 -15.78 10.87
N ALA B 201 -14.06 -14.93 10.51
CA ALA B 201 -13.27 -14.19 11.48
C ALA B 201 -12.65 -12.98 10.80
N TYR B 202 -12.46 -11.91 11.58
CA TYR B 202 -11.84 -10.69 11.10
C TYR B 202 -10.78 -10.26 12.10
N MET B 203 -9.52 -10.24 11.67
CA MET B 203 -8.40 -9.88 12.51
C MET B 203 -7.75 -8.62 11.97
N GLU B 204 -7.70 -7.56 12.78
CA GLU B 204 -7.10 -6.29 12.40
C GLU B 204 -5.76 -6.16 13.11
N LEU B 205 -4.68 -6.00 12.34
CA LEU B 205 -3.34 -5.89 12.90
C LEU B 205 -3.07 -4.45 13.32
N CYS B 206 -2.50 -4.28 14.52
CA CYS B 206 -2.17 -2.96 15.02
C CYS B 206 -1.03 -2.34 14.21
N GLY B 207 -1.20 -1.07 13.85
CA GLY B 207 -0.15 -0.29 13.22
C GLY B 207 0.39 -0.84 11.93
N ALA B 208 -0.26 -1.85 11.37
CA ALA B 208 0.18 -2.48 10.13
C ALA B 208 -0.31 -1.70 8.91
N THR B 209 0.46 -1.76 7.84
CA THR B 209 0.14 -1.07 6.60
C THR B 209 -0.48 -2.03 5.60
N HIS B 210 -0.79 -1.51 4.42
CA HIS B 210 -1.37 -2.33 3.36
C HIS B 210 -0.45 -3.46 2.93
N PHE B 211 0.86 -3.33 3.16
CA PHE B 211 1.84 -4.28 2.69
C PHE B 211 2.39 -5.17 3.81
N ALA B 212 1.73 -5.20 4.96
CA ALA B 212 2.15 -6.10 6.03
C ALA B 212 2.11 -7.58 5.67
N PRO B 213 1.10 -8.08 4.93
CA PRO B 213 1.13 -9.50 4.54
C PRO B 213 2.31 -9.88 3.64
N ASN B 214 3.06 -8.91 3.11
CA ASN B 214 4.17 -9.21 2.22
C ASN B 214 5.47 -9.51 2.95
N ILE B 215 5.54 -9.26 4.25
CA ILE B 215 6.75 -9.54 5.03
C ILE B 215 6.42 -10.59 6.08
N PRO B 216 7.38 -11.38 6.54
CA PRO B 216 7.10 -12.39 7.58
C PRO B 216 6.46 -11.76 8.81
N ASN B 217 5.32 -12.33 9.21
CA ASN B 217 4.54 -11.82 10.34
C ASN B 217 3.98 -13.00 11.10
N THR B 218 4.41 -13.17 12.35
CA THR B 218 4.01 -14.33 13.13
C THR B 218 2.53 -14.33 13.44
N THR B 219 1.95 -13.15 13.68
CA THR B 219 0.52 -13.07 13.95
C THR B 219 -0.28 -13.54 12.75
N ILE B 220 0.17 -13.20 11.54
CA ILE B 220 -0.50 -13.70 10.34
C ILE B 220 -0.27 -15.20 10.20
N ALA B 221 0.96 -15.65 10.41
CA ALA B 221 1.30 -17.05 10.15
C ALA B 221 0.54 -17.99 11.07
N LYS B 222 0.53 -17.70 12.37
CA LYS B 222 -0.03 -18.64 13.35
C LYS B 222 -1.52 -18.88 13.14
N TYR B 223 -2.25 -17.85 12.69
CA TYR B 223 -3.69 -17.99 12.52
C TYR B 223 -4.09 -18.34 11.09
N VAL B 224 -3.25 -18.05 10.10
CA VAL B 224 -3.43 -18.67 8.80
C VAL B 224 -3.23 -20.18 8.91
N ILE B 225 -2.20 -20.59 9.63
CA ILE B 225 -1.97 -22.01 9.90
C ILE B 225 -3.14 -22.61 10.67
N SER B 226 -3.62 -21.89 11.69
CA SER B 226 -4.72 -22.41 12.49
C SER B 226 -6.02 -22.47 11.69
N TRP B 227 -6.26 -21.48 10.82
CA TRP B 227 -7.48 -21.47 10.03
C TRP B 227 -7.47 -22.59 8.99
N LEU B 228 -6.32 -22.83 8.36
CA LEU B 228 -6.22 -23.92 7.39
C LEU B 228 -6.37 -25.26 8.08
N LYS B 229 -5.75 -25.43 9.25
CA LYS B 229 -5.88 -26.69 9.98
C LYS B 229 -7.33 -26.98 10.34
N ARG B 230 -8.06 -25.97 10.81
CA ARG B 230 -9.42 -26.18 11.31
C ARG B 230 -10.40 -26.55 10.20
N PHE B 231 -10.22 -25.98 9.01
CA PHE B 231 -11.20 -26.16 7.95
C PHE B 231 -10.70 -26.95 6.75
N VAL B 232 -9.39 -26.98 6.49
CA VAL B 232 -8.91 -27.83 5.41
C VAL B 232 -8.68 -29.26 5.91
N ASP B 233 -8.24 -29.40 7.17
CA ASP B 233 -8.01 -30.70 7.77
C ASP B 233 -9.12 -31.12 8.74
N GLU B 234 -10.11 -30.25 8.97
CA GLU B 234 -11.12 -30.47 10.02
C GLU B 234 -10.44 -30.77 11.36
N ASP B 235 -9.26 -30.19 11.56
CA ASP B 235 -8.44 -30.48 12.74
C ASP B 235 -8.97 -29.64 13.90
N THR B 236 -9.87 -30.23 14.69
CA THR B 236 -10.45 -29.53 15.84
C THR B 236 -9.43 -29.27 16.94
N ARG B 237 -8.23 -29.84 16.84
CA ARG B 237 -7.17 -29.51 17.79
C ARG B 237 -6.78 -28.04 17.72
N TYR B 238 -7.08 -27.37 16.61
CA TYR B 238 -6.71 -25.98 16.41
C TYR B 238 -7.86 -25.02 16.69
N SER B 239 -9.02 -25.53 17.10
CA SER B 239 -10.12 -24.65 17.48
C SER B 239 -9.79 -23.84 18.72
N GLN B 240 -8.84 -24.30 19.53
CA GLN B 240 -8.45 -23.57 20.74
C GLN B 240 -7.84 -22.21 20.39
N PHE B 241 -7.03 -22.16 19.33
CA PHE B 241 -6.38 -20.93 18.93
C PHE B 241 -7.34 -19.94 18.25
N LEU B 242 -8.45 -20.44 17.72
CA LEU B 242 -9.40 -19.60 17.00
C LEU B 242 -10.60 -19.19 17.83
N CYS B 243 -11.04 -20.02 18.78
CA CYS B 243 -12.20 -19.72 19.60
C CYS B 243 -11.87 -20.04 21.06
N PRO B 244 -12.09 -19.09 21.99
CA PRO B 244 -12.61 -17.74 21.70
C PRO B 244 -11.59 -16.84 21.02
N ASN B 245 -11.98 -15.60 20.74
CA ASN B 245 -11.17 -14.72 19.89
C ASN B 245 -9.75 -14.59 20.45
N PRO B 246 -8.74 -14.61 19.58
CA PRO B 246 -7.36 -14.43 20.04
C PRO B 246 -7.17 -13.07 20.69
N THR B 247 -6.24 -13.02 21.64
CA THR B 247 -5.98 -11.83 22.44
C THR B 247 -4.58 -11.30 22.25
N ASP B 248 -3.95 -11.58 21.11
CA ASP B 248 -2.57 -11.17 20.88
C ASP B 248 -2.42 -9.65 20.96
N ARG B 249 -1.29 -9.22 21.51
CA ARG B 249 -1.02 -7.79 21.61
C ARG B 249 -0.96 -7.13 20.25
N ALA B 250 -0.52 -7.87 19.22
CA ALA B 250 -0.43 -7.32 17.87
C ALA B 250 -1.81 -7.10 17.24
N ILE B 251 -2.85 -7.76 17.76
CA ILE B 251 -4.20 -7.65 17.20
C ILE B 251 -4.87 -6.43 17.81
N CYS B 252 -5.52 -5.62 16.98
CA CYS B 252 -6.23 -4.44 17.44
C CYS B 252 -7.74 -4.62 17.46
N GLU B 253 -8.29 -5.53 16.66
CA GLU B 253 -9.70 -5.84 16.71
C GLU B 253 -9.91 -7.23 16.12
N TYR B 254 -10.76 -8.03 16.78
CA TYR B 254 -11.06 -9.38 16.32
C TYR B 254 -12.55 -9.65 16.47
N ARG B 255 -13.19 -10.03 15.37
CA ARG B 255 -14.57 -10.48 15.36
C ARG B 255 -14.62 -11.88 14.79
N SER B 256 -15.60 -12.67 15.24
CA SER B 256 -15.73 -14.03 14.76
C SER B 256 -17.16 -14.50 15.00
N THR B 257 -17.51 -15.61 14.35
CA THR B 257 -18.74 -16.33 14.62
C THR B 257 -18.49 -17.58 15.45
N CYS B 258 -17.57 -17.47 16.40
CA CYS B 258 -17.29 -18.57 17.30
C CYS B 258 -18.54 -18.94 18.10
N PRO B 259 -18.73 -20.23 18.42
CA PRO B 259 -17.82 -21.33 18.08
C PRO B 259 -18.04 -21.88 16.67
N TYR B 260 -16.98 -22.46 16.09
CA TYR B 260 -17.05 -23.04 14.75
C TYR B 260 -17.41 -24.51 14.89
N LYS B 261 -18.72 -24.75 15.04
CA LYS B 261 -19.21 -26.11 15.20
C LYS B 261 -18.95 -26.92 13.93
N LEU B 262 -18.63 -28.20 14.11
CA LEU B 262 -18.28 -29.03 12.98
C LEU B 262 -19.51 -29.35 12.14
N ASN B 263 -19.28 -29.73 10.89
CA ASN B 263 -20.36 -30.05 9.96
C ASN B 263 -19.96 -31.24 9.07
CA CA C . 8.92 26.28 17.31
S SO4 D . 21.20 18.54 1.90
O1 SO4 D . 22.41 18.50 2.72
O2 SO4 D . 21.20 19.76 1.11
O3 SO4 D . 21.17 17.38 1.02
O4 SO4 D . 20.01 18.51 2.75
CA CA E . -0.34 -19.02 -18.54
S SO4 F . -3.53 -3.55 -4.29
O1 SO4 F . -2.17 -3.64 -3.76
O2 SO4 F . -3.59 -2.51 -5.30
O3 SO4 F . -3.91 -4.83 -4.89
O4 SO4 F . -4.46 -3.25 -3.21
#